data_3HOF
#
_entry.id   3HOF
#
_cell.length_a   67.669
_cell.length_b   67.988
_cell.length_c   89.135
_cell.angle_alpha   90.00
_cell.angle_beta   90.00
_cell.angle_gamma   90.00
#
_symmetry.space_group_name_H-M   'P 21 21 21'
#
loop_
_entity.id
_entity.type
_entity.pdbx_description
1 polymer 'Macrophage migration inhibitory factor'
2 non-polymer 'CAFFEIC ACID'
3 water water
#
_entity_poly.entity_id   1
_entity_poly.type   'polypeptide(L)'
_entity_poly.pdbx_seq_one_letter_code
;MPMFIVNTNVPRASVPDGFLSELTQQLAQATGKPPQYIAVHVVPDQLMAFGGSSEPCALCSLHSIGKIGGAQNRSYSKLL
CGLLAERLRISPDRVYINYYDMNAANVGWNNSTFALEHHHHHH
;
_entity_poly.pdbx_strand_id   A,B,C
#
loop_
_chem_comp.id
_chem_comp.type
_chem_comp.name
_chem_comp.formula
DHC non-polymer 'CAFFEIC ACID' 'C9 H8 O4'
#
# COMPACT_ATOMS: atom_id res chain seq x y z
N PRO A 2 -5.09 -14.14 -4.38
CA PRO A 2 -5.51 -12.74 -4.28
C PRO A 2 -5.22 -12.16 -2.90
N MET A 3 -5.07 -10.84 -2.86
CA MET A 3 -4.63 -10.17 -1.66
CA MET A 3 -4.65 -10.17 -1.64
C MET A 3 -5.52 -8.96 -1.44
N PHE A 4 -6.17 -8.91 -0.28
CA PHE A 4 -7.09 -7.82 0.01
C PHE A 4 -6.67 -7.06 1.29
N ILE A 5 -6.52 -5.74 1.16
CA ILE A 5 -6.08 -4.90 2.27
C ILE A 5 -7.15 -3.82 2.53
N VAL A 6 -7.53 -3.63 3.80
CA VAL A 6 -8.51 -2.59 4.21
CA VAL A 6 -8.46 -2.55 4.13
C VAL A 6 -7.81 -1.71 5.22
N ASN A 7 -7.72 -0.41 4.95
CA ASN A 7 -7.27 0.59 5.93
C ASN A 7 -8.48 1.41 6.31
N THR A 8 -8.67 1.64 7.61
CA THR A 8 -9.95 2.25 8.08
C THR A 8 -9.73 2.99 9.39
N ASN A 9 -10.54 4.01 9.62
CA ASN A 9 -10.50 4.74 10.87
C ASN A 9 -11.43 4.14 11.91
N VAL A 10 -12.17 3.09 11.54
CA VAL A 10 -12.95 2.33 12.52
C VAL A 10 -11.98 1.76 13.56
N PRO A 11 -12.33 1.86 14.86
CA PRO A 11 -11.39 1.34 15.87
C PRO A 11 -11.30 -0.18 15.90
N ARG A 12 -10.16 -0.67 16.38
CA ARG A 12 -9.91 -2.12 16.52
C ARG A 12 -11.04 -2.85 17.23
N ALA A 13 -11.54 -2.28 18.34
CA ALA A 13 -12.63 -2.93 19.09
C ALA A 13 -13.91 -3.13 18.26
N SER A 14 -14.04 -2.40 17.15
CA SER A 14 -15.23 -2.55 16.30
C SER A 14 -15.10 -3.59 15.20
N VAL A 15 -13.92 -4.21 15.08
CA VAL A 15 -13.72 -5.26 14.08
C VAL A 15 -14.20 -6.58 14.70
N PRO A 16 -15.25 -7.21 14.13
CA PRO A 16 -15.85 -8.37 14.79
C PRO A 16 -14.95 -9.60 14.70
N ASP A 17 -15.00 -10.45 15.72
CA ASP A 17 -14.41 -11.80 15.60
C ASP A 17 -14.96 -12.48 14.36
N GLY A 18 -14.07 -13.10 13.58
CA GLY A 18 -14.50 -13.77 12.37
C GLY A 18 -14.31 -12.95 11.09
N PHE A 19 -13.94 -11.68 11.19
CA PHE A 19 -13.87 -10.79 10.04
C PHE A 19 -12.86 -11.26 8.98
N LEU A 20 -11.62 -11.59 9.40
CA LEU A 20 -10.62 -12.01 8.44
CA LEU A 20 -10.59 -12.03 8.47
C LEU A 20 -10.98 -13.33 7.77
N SER A 21 -11.56 -14.25 8.52
CA SER A 21 -12.01 -15.54 7.96
C SER A 21 -13.16 -15.37 6.97
N GLU A 22 -14.09 -14.46 7.28
CA GLU A 22 -15.20 -14.20 6.36
C GLU A 22 -14.68 -13.57 5.07
N LEU A 23 -13.77 -12.61 5.17
CA LEU A 23 -13.17 -12.03 3.96
C LEU A 23 -12.47 -13.10 3.14
N THR A 24 -11.70 -13.97 3.81
CA THR A 24 -10.97 -15.06 3.12
C THR A 24 -11.94 -15.94 2.33
N GLN A 25 -13.01 -16.40 2.98
CA GLN A 25 -14.00 -17.28 2.39
C GLN A 25 -14.73 -16.65 1.22
N GLN A 26 -15.23 -15.46 1.45
CA GLN A 26 -16.02 -14.74 0.44
C GLN A 26 -15.19 -14.32 -0.78
N LEU A 27 -13.92 -13.99 -0.56
CA LEU A 27 -13.03 -13.69 -1.68
C LEU A 27 -12.68 -14.93 -2.48
N ALA A 28 -12.50 -16.05 -1.78
CA ALA A 28 -12.22 -17.30 -2.48
C ALA A 28 -13.43 -17.62 -3.38
N GLN A 29 -14.63 -17.49 -2.82
CA GLN A 29 -15.87 -17.75 -3.57
C GLN A 29 -16.04 -16.81 -4.77
N ALA A 30 -15.84 -15.51 -4.54
CA ALA A 30 -16.03 -14.51 -5.61
C ALA A 30 -15.02 -14.65 -6.76
N THR A 31 -13.79 -15.02 -6.44
CA THR A 31 -12.73 -15.08 -7.48
C THR A 31 -12.57 -16.47 -8.08
N GLY A 32 -13.24 -17.46 -7.49
CA GLY A 32 -13.12 -18.83 -7.94
C GLY A 32 -11.74 -19.44 -7.73
N LYS A 33 -11.03 -18.92 -6.72
CA LYS A 33 -9.67 -19.35 -6.39
C LYS A 33 -9.66 -20.10 -5.04
N PRO A 34 -8.77 -21.10 -4.89
CA PRO A 34 -8.80 -21.82 -3.62
C PRO A 34 -8.39 -20.93 -2.44
N PRO A 35 -9.06 -21.10 -1.27
CA PRO A 35 -8.85 -20.16 -0.17
C PRO A 35 -7.41 -20.18 0.37
N GLN A 36 -6.67 -21.25 0.09
CA GLN A 36 -5.24 -21.33 0.47
C GLN A 36 -4.43 -20.17 -0.14
N TYR A 37 -4.87 -19.63 -1.28
CA TYR A 37 -4.14 -18.53 -1.96
C TYR A 37 -4.45 -17.12 -1.42
N ILE A 38 -5.54 -17.00 -0.68
CA ILE A 38 -6.10 -15.69 -0.32
CA ILE A 38 -6.11 -15.70 -0.32
C ILE A 38 -5.39 -15.12 0.89
N ALA A 39 -4.89 -13.89 0.78
CA ALA A 39 -4.32 -13.16 1.93
C ALA A 39 -5.21 -11.94 2.23
N VAL A 40 -5.43 -11.66 3.52
CA VAL A 40 -6.29 -10.55 3.95
CA VAL A 40 -6.28 -10.55 3.95
C VAL A 40 -5.58 -9.75 5.03
N HIS A 41 -5.76 -8.44 5.03
CA HIS A 41 -4.99 -7.58 5.95
C HIS A 41 -5.91 -6.42 6.32
N VAL A 42 -6.16 -6.23 7.61
CA VAL A 42 -7.11 -5.19 8.08
C VAL A 42 -6.36 -4.25 9.02
N VAL A 43 -6.43 -2.95 8.75
CA VAL A 43 -5.66 -1.96 9.53
C VAL A 43 -6.65 -0.94 10.09
N PRO A 44 -7.04 -1.08 11.37
CA PRO A 44 -7.98 -0.17 11.99
C PRO A 44 -7.27 1.01 12.65
N ASP A 45 -8.06 1.90 13.24
CA ASP A 45 -7.55 3.05 14.01
C ASP A 45 -6.72 4.03 13.19
N GLN A 46 -7.00 4.10 11.89
CA GLN A 46 -6.20 4.96 11.01
C GLN A 46 -6.67 6.40 11.04
N LEU A 47 -5.75 7.31 10.79
CA LEU A 47 -5.95 8.73 10.65
C LEU A 47 -6.33 9.04 9.22
N MET A 48 -7.60 9.21 8.95
CA MET A 48 -8.03 9.29 7.55
C MET A 48 -9.18 10.27 7.42
N ALA A 49 -9.36 10.77 6.21
CA ALA A 49 -10.52 11.61 5.92
C ALA A 49 -11.01 11.20 4.55
N PHE A 50 -12.31 11.33 4.35
CA PHE A 50 -12.92 11.03 3.07
C PHE A 50 -13.87 12.19 2.83
N GLY A 51 -13.61 12.94 1.75
CA GLY A 51 -14.36 14.18 1.53
C GLY A 51 -14.13 15.23 2.60
N GLY A 52 -12.97 15.20 3.25
CA GLY A 52 -12.68 16.19 4.32
C GLY A 52 -13.32 15.87 5.67
N SER A 53 -14.02 14.75 5.76
CA SER A 53 -14.77 14.37 6.96
C SER A 53 -14.18 13.10 7.61
N SER A 54 -14.27 13.02 8.91
CA SER A 54 -13.63 11.84 9.61
CA SER A 54 -13.77 11.91 9.67
C SER A 54 -14.67 10.82 10.13
N GLU A 55 -15.82 10.83 9.51
CA GLU A 55 -16.79 9.74 9.62
C GLU A 55 -16.16 8.41 9.14
N PRO A 56 -16.70 7.26 9.59
CA PRO A 56 -16.01 6.01 9.16
C PRO A 56 -15.84 5.96 7.67
N CYS A 57 -14.69 5.45 7.24
CA CYS A 57 -14.39 5.31 5.82
C CYS A 57 -13.33 4.22 5.67
N ALA A 58 -13.09 3.80 4.42
CA ALA A 58 -12.05 2.82 4.17
C ALA A 58 -11.36 3.06 2.82
N LEU A 59 -10.06 2.79 2.79
CA LEU A 59 -9.29 2.74 1.56
C LEU A 59 -8.73 1.32 1.44
N CYS A 60 -9.03 0.68 0.31
CA CYS A 60 -8.74 -0.73 0.15
C CYS A 60 -8.02 -1.01 -1.15
N SER A 61 -7.37 -2.17 -1.23
CA SER A 61 -6.84 -2.67 -2.48
CA SER A 61 -6.74 -2.68 -2.44
C SER A 61 -7.10 -4.17 -2.62
N LEU A 62 -7.31 -4.58 -3.84
CA LEU A 62 -7.43 -6.02 -4.15
C LEU A 62 -6.43 -6.28 -5.29
N HIS A 63 -5.44 -7.15 -5.04
CA HIS A 63 -4.44 -7.53 -6.09
C HIS A 63 -4.76 -8.97 -6.47
N SER A 64 -4.79 -9.27 -7.77
CA SER A 64 -5.04 -10.65 -8.24
C SER A 64 -4.26 -10.87 -9.54
N ILE A 65 -3.84 -12.10 -9.81
CA ILE A 65 -3.30 -12.45 -11.12
C ILE A 65 -4.53 -12.92 -11.91
N GLY A 66 -5.02 -12.07 -12.81
CA GLY A 66 -6.29 -12.36 -13.52
C GLY A 66 -7.54 -12.19 -12.64
N LYS A 67 -8.72 -12.47 -13.19
CA LYS A 67 -10.03 -12.28 -12.52
C LYS A 67 -10.32 -10.80 -12.15
N ILE A 68 -9.63 -9.89 -12.83
CA ILE A 68 -9.86 -8.45 -12.70
C ILE A 68 -10.43 -7.88 -14.01
N GLY A 69 -11.46 -7.06 -13.91
CA GLY A 69 -12.06 -6.53 -15.16
C GLY A 69 -13.33 -5.80 -14.84
N GLY A 70 -13.94 -5.19 -15.86
CA GLY A 70 -15.12 -4.33 -15.66
C GLY A 70 -16.22 -4.93 -14.82
N ALA A 71 -16.84 -6.00 -15.31
CA ALA A 71 -17.96 -6.65 -14.62
C ALA A 71 -17.52 -7.29 -13.28
N GLN A 72 -16.37 -7.96 -13.30
CA GLN A 72 -15.84 -8.62 -12.10
C GLN A 72 -15.64 -7.62 -10.97
N ASN A 73 -15.02 -6.49 -11.27
CA ASN A 73 -14.70 -5.49 -10.25
C ASN A 73 -15.98 -4.88 -9.67
N ARG A 74 -17.00 -4.75 -10.49
CA ARG A 74 -18.27 -4.27 -9.98
C ARG A 74 -18.86 -5.26 -8.99
N SER A 75 -18.78 -6.56 -9.29
CA SER A 75 -19.24 -7.60 -8.35
CA SER A 75 -19.24 -7.60 -8.36
C SER A 75 -18.41 -7.61 -7.06
N TYR A 76 -17.10 -7.46 -7.19
CA TYR A 76 -16.27 -7.41 -5.97
C TYR A 76 -16.62 -6.20 -5.10
N SER A 77 -16.90 -5.09 -5.73
CA SER A 77 -17.27 -3.87 -5.00
C SER A 77 -18.60 -4.06 -4.24
N LYS A 78 -19.59 -4.65 -4.88
CA LYS A 78 -20.85 -4.94 -4.19
C LYS A 78 -20.61 -5.88 -2.99
N LEU A 79 -19.84 -6.96 -3.22
CA LEU A 79 -19.50 -7.89 -2.12
C LEU A 79 -18.78 -7.19 -0.97
N LEU A 80 -17.71 -6.46 -1.30
CA LEU A 80 -16.81 -5.92 -0.27
C LEU A 80 -17.42 -4.73 0.44
N CYS A 81 -18.10 -3.86 -0.32
CA CYS A 81 -18.83 -2.75 0.30
C CYS A 81 -19.91 -3.26 1.24
N GLY A 82 -20.58 -4.36 0.86
CA GLY A 82 -21.68 -4.91 1.68
C GLY A 82 -21.10 -5.44 2.99
N LEU A 83 -19.93 -6.08 2.89
CA LEU A 83 -19.25 -6.57 4.07
C LEU A 83 -18.76 -5.47 4.97
N LEU A 84 -18.15 -4.44 4.39
CA LEU A 84 -17.69 -3.27 5.16
C LEU A 84 -18.88 -2.55 5.81
N ALA A 85 -20.00 -2.45 5.10
CA ALA A 85 -21.21 -1.85 5.70
C ALA A 85 -21.80 -2.64 6.90
N GLU A 86 -22.03 -3.93 6.69
CA GLU A 86 -22.65 -4.79 7.69
C GLU A 86 -21.70 -4.99 8.89
N ARG A 87 -20.42 -5.26 8.63
CA ARG A 87 -19.49 -5.65 9.71
C ARG A 87 -18.83 -4.48 10.42
N LEU A 88 -18.42 -3.47 9.67
CA LEU A 88 -17.70 -2.32 10.19
C LEU A 88 -18.55 -1.04 10.26
N ARG A 89 -19.78 -1.10 9.76
CA ARG A 89 -20.70 0.07 9.76
C ARG A 89 -20.16 1.26 8.96
N ILE A 90 -19.48 0.95 7.85
CA ILE A 90 -18.95 1.97 6.98
C ILE A 90 -19.91 2.12 5.78
N SER A 91 -20.34 3.35 5.51
CA SER A 91 -21.16 3.63 4.33
C SER A 91 -20.40 3.32 3.01
N PRO A 92 -21.03 2.57 2.07
CA PRO A 92 -20.38 2.26 0.77
C PRO A 92 -19.86 3.46 0.00
N ASP A 93 -20.51 4.62 0.12
CA ASP A 93 -20.01 5.81 -0.56
C ASP A 93 -18.83 6.47 0.15
N ARG A 94 -18.38 5.86 1.24
CA ARG A 94 -17.13 6.29 1.87
C ARG A 94 -16.06 5.21 1.78
N VAL A 95 -16.13 4.43 0.70
CA VAL A 95 -15.16 3.37 0.50
C VAL A 95 -14.56 3.51 -0.89
N TYR A 96 -13.22 3.42 -0.99
CA TYR A 96 -12.56 3.22 -2.28
C TYR A 96 -11.83 1.88 -2.28
N ILE A 97 -11.92 1.17 -3.41
CA ILE A 97 -11.15 -0.07 -3.59
C ILE A 97 -10.33 0.07 -4.88
N ASN A 98 -9.02 0.00 -4.78
CA ASN A 98 -8.18 -0.04 -5.99
C ASN A 98 -7.95 -1.49 -6.40
N TYR A 99 -8.24 -1.81 -7.67
CA TYR A 99 -8.08 -3.18 -8.20
C TYR A 99 -6.78 -3.22 -9.04
N TYR A 100 -5.98 -4.28 -8.88
CA TYR A 100 -4.71 -4.41 -9.60
C TYR A 100 -4.67 -5.80 -10.19
N ASP A 101 -4.58 -5.86 -11.51
CA ASP A 101 -4.41 -7.10 -12.23
C ASP A 101 -2.92 -7.29 -12.35
N MET A 102 -2.36 -8.19 -11.54
CA MET A 102 -0.90 -8.35 -11.49
C MET A 102 -0.46 -9.38 -12.53
N ASN A 103 0.67 -9.14 -13.19
CA ASN A 103 1.28 -10.16 -14.04
C ASN A 103 1.95 -11.21 -13.16
N ALA A 104 1.87 -12.49 -13.55
CA ALA A 104 2.49 -13.55 -12.76
C ALA A 104 3.97 -13.32 -12.46
N ALA A 105 4.70 -12.73 -13.42
CA ALA A 105 6.15 -12.44 -13.24
C ALA A 105 6.41 -11.40 -12.16
N ASN A 106 5.37 -10.63 -11.80
CA ASN A 106 5.51 -9.53 -10.86
C ASN A 106 4.92 -9.82 -9.48
N VAL A 107 4.62 -11.09 -9.23
CA VAL A 107 4.20 -11.54 -7.90
C VAL A 107 5.20 -12.55 -7.33
N GLY A 108 5.94 -12.13 -6.30
CA GLY A 108 6.85 -13.03 -5.60
C GLY A 108 6.15 -13.88 -4.53
N TRP A 109 6.61 -15.12 -4.37
CA TRP A 109 6.06 -16.08 -3.42
C TRP A 109 7.03 -17.24 -3.32
N ASN A 110 7.29 -17.72 -2.09
CA ASN A 110 8.05 -18.96 -1.88
C ASN A 110 9.39 -18.98 -2.66
N ASN A 111 10.20 -17.94 -2.45
CA ASN A 111 11.55 -17.80 -3.02
C ASN A 111 11.63 -17.53 -4.53
N SER A 112 10.47 -17.36 -5.17
CA SER A 112 10.45 -17.25 -6.62
C SER A 112 9.26 -16.37 -7.01
N THR A 113 8.71 -16.53 -8.21
CA THR A 113 7.51 -15.77 -8.60
C THR A 113 6.55 -16.79 -9.18
N PHE A 114 5.37 -16.32 -9.60
CA PHE A 114 4.40 -17.18 -10.28
C PHE A 114 4.68 -17.40 -11.78
N ALA A 115 5.72 -16.75 -12.30
CA ALA A 115 6.20 -17.00 -13.68
C ALA A 115 7.34 -17.99 -13.67
N LEU A 116 7.04 -19.19 -14.15
CA LEU A 116 7.98 -20.32 -14.12
C LEU A 116 8.38 -20.75 -15.54
N GLU A 117 7.89 -20.06 -16.56
CA GLU A 117 8.03 -20.53 -17.95
C GLU A 117 9.30 -20.12 -18.72
N HIS A 118 9.82 -18.91 -18.50
CA HIS A 118 10.89 -18.36 -19.36
C HIS A 118 12.03 -17.66 -18.59
N HIS A 119 13.01 -17.16 -19.37
CA HIS A 119 14.18 -16.42 -18.87
C HIS A 119 15.07 -17.27 -17.98
N PRO B 2 14.82 2.56 -4.97
CA PRO B 2 13.86 1.50 -4.66
C PRO B 2 13.24 1.66 -3.28
N MET B 3 12.00 1.22 -3.19
CA MET B 3 11.20 1.39 -1.99
C MET B 3 10.69 -0.01 -1.68
N PHE B 4 11.02 -0.51 -0.50
CA PHE B 4 10.57 -1.83 -0.08
C PHE B 4 9.74 -1.72 1.19
N ILE B 5 8.55 -2.30 1.16
CA ILE B 5 7.66 -2.27 2.31
C ILE B 5 7.29 -3.70 2.71
N VAL B 6 7.35 -3.99 4.03
CA VAL B 6 6.96 -5.30 4.60
CA VAL B 6 6.86 -5.28 4.50
C VAL B 6 5.86 -5.10 5.62
N ASN B 7 4.70 -5.70 5.40
CA ASN B 7 3.65 -5.72 6.41
C ASN B 7 3.56 -7.14 6.96
N THR B 8 3.58 -7.29 8.29
CA THR B 8 3.63 -8.62 8.90
C THR B 8 2.89 -8.65 10.22
N ASN B 9 2.36 -9.81 10.57
CA ASN B 9 1.74 -10.04 11.87
C ASN B 9 2.75 -10.44 12.96
N VAL B 10 4.02 -10.60 12.58
CA VAL B 10 5.10 -10.87 13.55
C VAL B 10 5.20 -9.64 14.49
N PRO B 11 5.43 -9.86 15.81
CA PRO B 11 5.45 -8.71 16.73
C PRO B 11 6.69 -7.82 16.56
N ARG B 12 6.58 -6.56 16.94
CA ARG B 12 7.68 -5.61 16.85
CA ARG B 12 7.67 -5.61 16.86
C ARG B 12 8.91 -6.10 17.62
N ALA B 13 8.69 -6.67 18.82
CA ALA B 13 9.76 -7.20 19.65
C ALA B 13 10.60 -8.29 18.94
N SER B 14 10.00 -8.98 17.96
CA SER B 14 10.72 -9.99 17.17
C SER B 14 11.51 -9.46 15.98
N VAL B 15 11.39 -8.17 15.68
CA VAL B 15 12.21 -7.56 14.63
C VAL B 15 13.61 -7.28 15.16
N PRO B 16 14.64 -7.96 14.61
CA PRO B 16 15.97 -7.83 15.24
C PRO B 16 16.65 -6.50 14.97
N ASP B 17 17.47 -6.03 15.91
CA ASP B 17 18.33 -4.90 15.67
C ASP B 17 19.12 -5.12 14.36
N GLY B 18 19.13 -4.09 13.51
CA GLY B 18 19.86 -4.14 12.26
C GLY B 18 19.07 -4.56 11.04
N PHE B 19 17.78 -4.88 11.23
CA PHE B 19 16.94 -5.41 10.13
C PHE B 19 16.76 -4.42 8.98
N LEU B 20 16.45 -3.14 9.30
CA LEU B 20 16.27 -2.16 8.23
CA LEU B 20 16.28 -2.12 8.25
C LEU B 20 17.59 -1.90 7.47
N SER B 21 18.70 -1.89 8.20
CA SER B 21 20.01 -1.70 7.57
C SER B 21 20.38 -2.85 6.68
N GLU B 22 20.05 -4.07 7.11
CA GLU B 22 20.32 -5.25 6.31
C GLU B 22 19.51 -5.25 5.01
N LEU B 23 18.21 -4.95 5.15
CA LEU B 23 17.35 -4.80 3.96
C LEU B 23 17.92 -3.76 2.99
N THR B 24 18.36 -2.62 3.52
CA THR B 24 18.86 -1.51 2.68
C THR B 24 20.11 -1.96 1.92
N GLN B 25 21.05 -2.55 2.66
CA GLN B 25 22.32 -3.03 2.08
C GLN B 25 22.09 -4.12 1.03
N GLN B 26 21.23 -5.08 1.35
CA GLN B 26 21.00 -6.21 0.44
C GLN B 26 20.20 -5.80 -0.79
N LEU B 27 19.28 -4.83 -0.64
CA LEU B 27 18.54 -4.33 -1.80
C LEU B 27 19.46 -3.55 -2.74
N ALA B 28 20.36 -2.77 -2.14
CA ALA B 28 21.40 -2.07 -2.90
C ALA B 28 22.24 -3.06 -3.68
N GLN B 29 22.70 -4.12 -3.02
CA GLN B 29 23.46 -5.17 -3.72
C GLN B 29 22.68 -5.83 -4.88
N ALA B 30 21.44 -6.23 -4.60
CA ALA B 30 20.63 -6.97 -5.59
C ALA B 30 20.15 -6.14 -6.80
N THR B 31 19.80 -4.88 -6.56
CA THR B 31 19.26 -4.01 -7.61
C THR B 31 20.35 -3.17 -8.27
N GLY B 32 21.55 -3.16 -7.67
CA GLY B 32 22.66 -2.31 -8.12
C GLY B 32 22.56 -0.84 -7.72
N LYS B 33 21.44 -0.41 -7.15
CA LYS B 33 21.21 1.03 -6.92
C LYS B 33 21.97 1.54 -5.69
N PRO B 34 22.28 2.85 -5.65
CA PRO B 34 23.08 3.29 -4.50
C PRO B 34 22.25 3.23 -3.23
N PRO B 35 22.86 2.78 -2.13
CA PRO B 35 22.13 2.62 -0.89
C PRO B 35 21.53 3.91 -0.37
N GLN B 36 22.13 5.06 -0.73
CA GLN B 36 21.62 6.39 -0.31
C GLN B 36 20.18 6.70 -0.76
N TYR B 37 19.72 6.00 -1.80
CA TYR B 37 18.36 6.20 -2.32
C TYR B 37 17.35 5.10 -2.00
N ILE B 38 17.77 4.09 -1.24
CA ILE B 38 16.92 2.97 -0.88
CA ILE B 38 16.89 2.99 -0.89
C ILE B 38 16.09 3.32 0.36
N ALA B 39 14.79 3.10 0.25
CA ALA B 39 13.86 3.37 1.33
C ALA B 39 13.23 2.03 1.72
N VAL B 40 13.25 1.76 3.01
CA VAL B 40 12.70 0.50 3.56
C VAL B 40 11.73 0.85 4.69
N HIS B 41 10.69 0.04 4.84
CA HIS B 41 9.56 0.35 5.74
C HIS B 41 9.02 -0.99 6.24
N VAL B 42 9.01 -1.18 7.56
CA VAL B 42 8.60 -2.45 8.13
C VAL B 42 7.43 -2.20 9.07
N VAL B 43 6.35 -2.96 8.90
CA VAL B 43 5.14 -2.72 9.67
C VAL B 43 4.73 -4.02 10.39
N PRO B 44 5.10 -4.15 11.68
CA PRO B 44 4.83 -5.37 12.43
C PRO B 44 3.47 -5.31 13.13
N ASP B 45 3.10 -6.40 13.79
CA ASP B 45 1.91 -6.47 14.66
C ASP B 45 0.60 -6.25 13.91
N GLN B 46 0.59 -6.62 12.63
CA GLN B 46 -0.59 -6.46 11.78
C GLN B 46 -1.62 -7.57 11.92
N LEU B 47 -2.88 -7.21 11.73
CA LEU B 47 -3.96 -8.14 11.75
C LEU B 47 -4.06 -8.74 10.36
N MET B 48 -3.64 -9.99 10.18
CA MET B 48 -3.49 -10.55 8.85
C MET B 48 -3.80 -12.02 8.86
N ALA B 49 -4.24 -12.51 7.71
CA ALA B 49 -4.33 -13.95 7.51
C ALA B 49 -3.79 -14.30 6.13
N PHE B 50 -3.25 -15.51 6.01
CA PHE B 50 -2.72 -16.01 4.76
C PHE B 50 -3.25 -17.43 4.66
N GLY B 51 -4.02 -17.70 3.62
CA GLY B 51 -4.69 -18.99 3.49
C GLY B 51 -5.62 -19.29 4.65
N GLY B 52 -6.16 -18.26 5.28
CA GLY B 52 -7.10 -18.42 6.39
C GLY B 52 -6.49 -18.68 7.75
N SER B 53 -5.15 -18.61 7.83
CA SER B 53 -4.40 -18.92 9.03
C SER B 53 -3.64 -17.68 9.49
N SER B 54 -3.53 -17.51 10.81
CA SER B 54 -2.74 -16.41 11.35
C SER B 54 -1.32 -16.81 11.79
N GLU B 55 -0.78 -17.91 11.25
CA GLU B 55 0.65 -18.14 11.47
CA GLU B 55 0.65 -18.19 11.41
C GLU B 55 1.44 -17.00 10.80
N PRO B 56 2.73 -16.83 11.19
CA PRO B 56 3.49 -15.70 10.62
C PRO B 56 3.38 -15.65 9.11
N CYS B 57 3.18 -14.45 8.56
CA CYS B 57 3.07 -14.23 7.11
C CYS B 57 3.53 -12.79 6.80
N ALA B 58 3.77 -12.48 5.52
CA ALA B 58 4.18 -11.12 5.10
C ALA B 58 3.52 -10.75 3.76
N LEU B 59 3.01 -9.52 3.67
CA LEU B 59 2.64 -8.90 2.39
C LEU B 59 3.62 -7.75 2.13
N CYS B 60 4.28 -7.80 0.98
CA CYS B 60 5.40 -6.88 0.69
C CYS B 60 5.22 -6.23 -0.67
N SER B 61 5.86 -5.07 -0.84
CA SER B 61 5.96 -4.47 -2.16
CA SER B 61 5.94 -4.40 -2.15
C SER B 61 7.36 -3.94 -2.38
N LEU B 62 7.82 -4.04 -3.62
CA LEU B 62 9.04 -3.44 -4.06
C LEU B 62 8.75 -2.60 -5.31
N HIS B 63 9.06 -1.31 -5.23
CA HIS B 63 8.88 -0.38 -6.34
C HIS B 63 10.27 0.04 -6.77
N SER B 64 10.52 0.03 -8.07
CA SER B 64 11.80 0.43 -8.62
C SER B 64 11.59 1.01 -10.00
N ILE B 65 12.37 2.01 -10.36
CA ILE B 65 12.40 2.50 -11.74
C ILE B 65 13.35 1.57 -12.50
N GLY B 66 12.79 0.64 -13.25
CA GLY B 66 13.61 -0.38 -13.91
C GLY B 66 14.07 -1.45 -12.93
N LYS B 67 14.92 -2.36 -13.42
CA LYS B 67 15.45 -3.47 -12.62
C LYS B 67 14.34 -4.43 -12.17
N ILE B 68 13.18 -4.37 -12.83
CA ILE B 68 12.06 -5.26 -12.54
C ILE B 68 11.82 -6.10 -13.78
N GLY B 69 11.72 -7.42 -13.58
CA GLY B 69 11.52 -8.35 -14.71
C GLY B 69 11.58 -9.80 -14.27
N GLY B 70 11.36 -10.71 -15.22
CA GLY B 70 11.21 -12.14 -14.92
C GLY B 70 12.28 -12.71 -14.00
N ALA B 71 13.51 -12.76 -14.51
CA ALA B 71 14.62 -13.31 -13.77
C ALA B 71 15.00 -12.46 -12.57
N GLN B 72 15.00 -11.14 -12.71
CA GLN B 72 15.39 -10.26 -11.60
C GLN B 72 14.41 -10.41 -10.40
N ASN B 73 13.12 -10.49 -10.70
CA ASN B 73 12.11 -10.67 -9.66
C ASN B 73 12.24 -11.99 -8.90
N ARG B 74 12.60 -13.07 -9.61
CA ARG B 74 12.86 -14.34 -8.95
C ARG B 74 14.03 -14.21 -8.00
N SER B 75 15.09 -13.55 -8.44
CA SER B 75 16.25 -13.28 -7.58
CA SER B 75 16.24 -13.32 -7.58
C SER B 75 15.87 -12.43 -6.37
N TYR B 76 15.06 -11.40 -6.59
CA TYR B 76 14.60 -10.58 -5.42
C TYR B 76 13.81 -11.41 -4.43
N SER B 77 12.96 -12.29 -4.94
CA SER B 77 12.11 -13.12 -4.09
C SER B 77 12.96 -14.09 -3.27
N LYS B 78 13.99 -14.65 -3.88
CA LYS B 78 14.84 -15.59 -3.13
C LYS B 78 15.54 -14.81 -1.98
N LEU B 79 16.06 -13.64 -2.30
CA LEU B 79 16.79 -12.84 -1.31
C LEU B 79 15.86 -12.42 -0.16
N LEU B 80 14.70 -11.89 -0.52
CA LEU B 80 13.81 -11.24 0.47
C LEU B 80 13.07 -12.29 1.29
N CYS B 81 12.61 -13.38 0.66
CA CYS B 81 12.06 -14.49 1.44
C CYS B 81 13.13 -15.07 2.41
N GLY B 82 14.39 -15.17 1.94
CA GLY B 82 15.48 -15.67 2.78
C GLY B 82 15.63 -14.82 4.05
N LEU B 83 15.53 -13.51 3.89
CA LEU B 83 15.76 -12.59 5.00
C LEU B 83 14.58 -12.65 5.96
N LEU B 84 13.38 -12.72 5.39
CA LEU B 84 12.16 -12.82 6.20
C LEU B 84 12.13 -14.15 6.94
N ALA B 85 12.63 -15.22 6.32
CA ALA B 85 12.70 -16.52 7.01
C ALA B 85 13.73 -16.50 8.16
N GLU B 86 14.94 -16.05 7.86
CA GLU B 86 16.03 -16.08 8.86
C GLU B 86 15.76 -15.10 10.01
N ARG B 87 15.24 -13.91 9.68
CA ARG B 87 15.20 -12.81 10.66
C ARG B 87 13.89 -12.72 11.38
N LEU B 88 12.78 -12.97 10.67
CA LEU B 88 11.46 -12.81 11.23
C LEU B 88 10.75 -14.17 11.40
N ARG B 89 11.43 -15.26 11.00
CA ARG B 89 10.91 -16.62 11.12
C ARG B 89 9.59 -16.82 10.36
N ILE B 90 9.50 -16.21 9.19
CA ILE B 90 8.29 -16.34 8.34
C ILE B 90 8.59 -17.33 7.23
N SER B 91 7.74 -18.37 7.09
CA SER B 91 7.96 -19.34 6.01
C SER B 91 7.82 -18.68 4.63
N PRO B 92 8.75 -18.97 3.70
CA PRO B 92 8.62 -18.31 2.38
C PRO B 92 7.30 -18.54 1.65
N ASP B 93 6.63 -19.67 1.86
CA ASP B 93 5.33 -19.90 1.21
C ASP B 93 4.16 -19.16 1.87
N ARG B 94 4.46 -18.34 2.88
CA ARG B 94 3.47 -17.43 3.48
C ARG B 94 3.84 -15.94 3.25
N VAL B 95 4.56 -15.68 2.16
CA VAL B 95 4.98 -14.36 1.77
C VAL B 95 4.49 -14.07 0.34
N TYR B 96 3.86 -12.91 0.16
CA TYR B 96 3.67 -12.38 -1.18
C TYR B 96 4.46 -11.09 -1.33
N ILE B 97 5.06 -10.90 -2.51
CA ILE B 97 5.75 -9.64 -2.83
C ILE B 97 5.23 -9.09 -4.17
N ASN B 98 4.61 -7.91 -4.14
CA ASN B 98 4.18 -7.28 -5.37
C ASN B 98 5.32 -6.42 -5.91
N TYR B 99 5.70 -6.66 -7.16
CA TYR B 99 6.76 -5.88 -7.83
C TYR B 99 6.16 -4.84 -8.77
N TYR B 100 6.65 -3.60 -8.65
CA TYR B 100 6.17 -2.52 -9.51
C TYR B 100 7.30 -1.87 -10.26
N ASP B 101 7.25 -1.94 -11.58
CA ASP B 101 8.20 -1.20 -12.42
C ASP B 101 7.64 0.20 -12.64
N MET B 102 8.22 1.19 -11.95
CA MET B 102 7.71 2.56 -12.01
C MET B 102 8.30 3.37 -13.18
N ASN B 103 7.47 4.11 -13.89
CA ASN B 103 7.95 5.12 -14.80
C ASN B 103 8.54 6.30 -13.99
N ALA B 104 9.70 6.80 -14.41
CA ALA B 104 10.39 7.88 -13.68
C ALA B 104 9.53 9.14 -13.51
N ALA B 105 8.62 9.42 -14.44
CA ALA B 105 7.70 10.56 -14.34
C ALA B 105 6.60 10.37 -13.28
N ASN B 106 6.48 9.13 -12.80
CA ASN B 106 5.46 8.77 -11.81
C ASN B 106 6.07 8.53 -10.41
N VAL B 107 7.30 9.01 -10.22
CA VAL B 107 7.92 8.95 -8.92
C VAL B 107 8.35 10.35 -8.52
N GLY B 108 7.72 10.90 -7.47
CA GLY B 108 8.07 12.21 -6.93
C GLY B 108 9.21 12.10 -5.91
N TRP B 109 10.06 13.12 -5.89
CA TRP B 109 11.19 13.18 -4.96
C TRP B 109 11.77 14.60 -5.02
N ASN B 110 12.02 15.21 -3.85
CA ASN B 110 12.76 16.48 -3.79
C ASN B 110 12.11 17.58 -4.64
N ASN B 111 10.79 17.75 -4.46
CA ASN B 111 9.99 18.79 -5.11
C ASN B 111 9.76 18.58 -6.61
N SER B 112 10.11 17.41 -7.13
CA SER B 112 10.02 17.16 -8.57
C SER B 112 9.79 15.66 -8.82
N THR B 113 10.22 15.16 -9.99
CA THR B 113 10.11 13.76 -10.31
C THR B 113 11.45 13.27 -10.84
N PHE B 114 11.56 11.97 -11.08
CA PHE B 114 12.82 11.38 -11.60
C PHE B 114 13.00 11.52 -13.12
N ALA B 115 11.98 12.02 -13.82
CA ALA B 115 12.03 12.12 -15.29
C ALA B 115 12.92 13.27 -15.79
N PRO C 2 -9.44 11.30 -6.06
CA PRO C 2 -8.02 11.11 -5.75
C PRO C 2 -7.78 10.70 -4.29
N MET C 3 -6.73 9.93 -4.08
CA MET C 3 -6.45 9.35 -2.79
CA MET C 3 -6.43 9.36 -2.77
C MET C 3 -4.98 9.57 -2.49
N PHE C 4 -4.70 10.18 -1.35
CA PHE C 4 -3.33 10.47 -0.99
C PHE C 4 -3.00 9.82 0.33
N ILE C 5 -1.91 9.07 0.34
CA ILE C 5 -1.46 8.31 1.53
C ILE C 5 -0.05 8.72 1.88
N VAL C 6 0.16 9.08 3.16
CA VAL C 6 1.51 9.41 3.64
C VAL C 6 1.89 8.46 4.76
N ASN C 7 3.00 7.73 4.56
CA ASN C 7 3.60 6.97 5.67
C ASN C 7 4.87 7.66 6.13
N THR C 8 5.03 7.82 7.44
CA THR C 8 6.16 8.61 7.94
C THR C 8 6.62 8.13 9.33
N ASN C 9 7.91 8.32 9.63
CA ASN C 9 8.45 8.06 10.97
C ASN C 9 8.27 9.23 11.94
N VAL C 10 7.70 10.33 11.45
CA VAL C 10 7.36 11.48 12.32
C VAL C 10 6.31 11.00 13.34
N PRO C 11 6.44 11.39 14.63
CA PRO C 11 5.46 10.89 15.60
C PRO C 11 4.07 11.53 15.47
N ARG C 12 3.05 10.81 15.92
CA ARG C 12 1.66 11.28 15.90
C ARG C 12 1.48 12.69 16.47
N ALA C 13 2.09 12.99 17.61
CA ALA C 13 1.94 14.32 18.23
C ALA C 13 2.46 15.48 17.35
N SER C 14 3.28 15.16 16.35
CA SER C 14 3.86 16.19 15.47
C SER C 14 3.02 16.48 14.22
N VAL C 15 1.95 15.72 14.04
CA VAL C 15 0.99 15.97 12.95
C VAL C 15 -0.05 17.01 13.40
N PRO C 16 -0.09 18.18 12.74
CA PRO C 16 -0.98 19.26 13.22
C PRO C 16 -2.47 18.89 13.11
N ASP C 17 -3.29 19.37 14.04
CA ASP C 17 -4.73 19.02 14.07
C ASP C 17 -5.50 19.13 12.73
N GLY C 18 -5.22 20.16 11.95
CA GLY C 18 -5.93 20.36 10.67
C GLY C 18 -5.24 19.87 9.40
N PHE C 19 -4.21 19.03 9.55
CA PHE C 19 -3.41 18.59 8.42
C PHE C 19 -4.20 17.80 7.37
N LEU C 20 -5.12 16.94 7.81
CA LEU C 20 -5.95 16.12 6.90
C LEU C 20 -6.87 17.02 6.09
N SER C 21 -7.40 18.04 6.76
CA SER C 21 -8.27 19.03 6.12
CA SER C 21 -8.26 19.02 6.10
C SER C 21 -7.47 19.86 5.11
N GLU C 22 -6.26 20.27 5.51
CA GLU C 22 -5.36 21.02 4.61
C GLU C 22 -5.00 20.21 3.38
N LEU C 23 -4.60 18.94 3.54
CA LEU C 23 -4.29 18.11 2.40
C LEU C 23 -5.51 17.98 1.48
N THR C 24 -6.69 17.83 2.07
CA THR C 24 -7.92 17.66 1.28
C THR C 24 -8.18 18.87 0.38
N GLN C 25 -8.18 20.07 0.98
CA GLN C 25 -8.42 21.33 0.27
C GLN C 25 -7.35 21.59 -0.82
N GLN C 26 -6.09 21.37 -0.46
CA GLN C 26 -4.97 21.60 -1.40
C GLN C 26 -4.99 20.63 -2.59
N LEU C 27 -5.33 19.37 -2.33
CA LEU C 27 -5.44 18.39 -3.42
C LEU C 27 -6.63 18.66 -4.33
N ALA C 28 -7.75 19.10 -3.72
CA ALA C 28 -8.94 19.52 -4.50
C ALA C 28 -8.57 20.61 -5.50
N GLN C 29 -7.93 21.66 -5.01
CA GLN C 29 -7.48 22.75 -5.84
C GLN C 29 -6.47 22.27 -6.90
N ALA C 30 -5.47 21.50 -6.49
CA ALA C 30 -4.42 21.04 -7.41
C ALA C 30 -4.94 20.14 -8.54
N THR C 31 -5.92 19.31 -8.24
CA THR C 31 -6.45 18.34 -9.21
C THR C 31 -7.69 18.87 -9.94
N GLY C 32 -8.27 19.95 -9.44
CA GLY C 32 -9.50 20.49 -10.02
C GLY C 32 -10.70 19.58 -9.83
N LYS C 33 -10.67 18.75 -8.77
CA LYS C 33 -11.78 17.86 -8.46
C LYS C 33 -12.50 18.31 -7.18
N PRO C 34 -13.82 18.06 -7.07
CA PRO C 34 -14.51 18.47 -5.85
C PRO C 34 -13.92 17.75 -4.63
N PRO C 35 -13.83 18.46 -3.50
CA PRO C 35 -13.26 17.86 -2.30
C PRO C 35 -13.98 16.61 -1.80
N GLN C 36 -15.26 16.48 -2.11
CA GLN C 36 -16.05 15.28 -1.75
C GLN C 36 -15.40 13.97 -2.24
N TYR C 37 -14.62 14.03 -3.32
CA TYR C 37 -13.99 12.84 -3.86
C TYR C 37 -12.58 12.57 -3.29
N ILE C 38 -12.03 13.55 -2.56
CA ILE C 38 -10.64 13.45 -2.08
C ILE C 38 -10.54 12.65 -0.76
N ALA C 39 -9.67 11.64 -0.73
CA ALA C 39 -9.44 10.87 0.49
C ALA C 39 -7.99 11.03 0.88
N VAL C 40 -7.76 11.18 2.17
CA VAL C 40 -6.42 11.41 2.71
CA VAL C 40 -6.41 11.37 2.69
C VAL C 40 -6.18 10.48 3.88
N HIS C 41 -4.94 9.94 3.95
CA HIS C 41 -4.61 8.94 4.95
C HIS C 41 -3.18 9.20 5.40
N VAL C 42 -3.00 9.46 6.69
CA VAL C 42 -1.67 9.81 7.22
C VAL C 42 -1.28 8.76 8.26
N VAL C 43 -0.10 8.15 8.11
CA VAL C 43 0.31 7.09 9.00
C VAL C 43 1.64 7.48 9.69
N PRO C 44 1.56 7.97 10.92
CA PRO C 44 2.79 8.41 11.63
C PRO C 44 3.45 7.24 12.38
N ASP C 45 4.53 7.56 13.09
CA ASP C 45 5.23 6.61 13.97
C ASP C 45 5.70 5.31 13.28
N GLN C 46 6.01 5.38 11.99
CA GLN C 46 6.43 4.20 11.26
C GLN C 46 7.91 3.88 11.44
N LEU C 47 8.21 2.59 11.39
CA LEU C 47 9.58 2.10 11.44
C LEU C 47 10.10 2.09 10.01
N MET C 48 10.83 3.14 9.63
CA MET C 48 11.30 3.27 8.25
CA MET C 48 11.30 3.27 8.25
C MET C 48 12.66 3.94 8.17
N ALA C 49 13.32 3.76 7.03
CA ALA C 49 14.63 4.37 6.83
C ALA C 49 14.70 4.79 5.37
N PHE C 50 15.44 5.85 5.14
CA PHE C 50 15.64 6.39 3.81
C PHE C 50 17.16 6.58 3.71
N GLY C 51 17.78 5.92 2.74
CA GLY C 51 19.25 5.92 2.62
C GLY C 51 19.95 5.46 3.89
N GLY C 52 19.34 4.49 4.59
CA GLY C 52 19.94 3.92 5.80
C GLY C 52 19.81 4.75 7.09
N SER C 53 19.11 5.88 7.01
CA SER C 53 19.01 6.84 8.12
C SER C 53 17.57 6.92 8.62
N SER C 54 17.37 7.07 9.93
CA SER C 54 16.02 7.22 10.45
C SER C 54 15.62 8.67 10.74
N GLU C 55 16.36 9.63 10.16
CA GLU C 55 15.90 11.02 10.21
CA GLU C 55 15.92 11.05 10.13
C GLU C 55 14.51 11.09 9.52
N PRO C 56 13.72 12.16 9.80
CA PRO C 56 12.36 12.21 9.23
C PRO C 56 12.32 11.96 7.73
N CYS C 57 11.39 11.10 7.31
CA CYS C 57 11.22 10.78 5.90
C CYS C 57 9.76 10.44 5.65
N ALA C 58 9.38 10.31 4.39
CA ALA C 58 7.99 9.95 4.06
C ALA C 58 7.90 9.15 2.79
N LEU C 59 7.05 8.13 2.82
CA LEU C 59 6.77 7.33 1.63
C LEU C 59 5.29 7.51 1.35
N CYS C 60 4.96 7.96 0.14
CA CYS C 60 3.62 8.40 -0.18
C CYS C 60 3.12 7.82 -1.49
N SER C 61 1.79 7.84 -1.64
CA SER C 61 1.18 7.50 -2.92
CA SER C 61 1.14 7.44 -2.89
C SER C 61 0.05 8.46 -3.21
N LEU C 62 -0.12 8.74 -4.52
CA LEU C 62 -1.25 9.52 -5.00
C LEU C 62 -1.91 8.72 -6.11
N HIS C 63 -3.17 8.34 -5.90
CA HIS C 63 -3.93 7.62 -6.90
C HIS C 63 -4.98 8.57 -7.48
N SER C 64 -5.12 8.62 -8.80
CA SER C 64 -6.18 9.43 -9.43
C SER C 64 -6.65 8.74 -10.71
N ILE C 65 -7.93 8.92 -11.05
CA ILE C 65 -8.42 8.58 -12.39
C ILE C 65 -8.15 9.80 -13.28
N GLY C 66 -7.09 9.72 -14.09
CA GLY C 66 -6.66 10.88 -14.89
C GLY C 66 -5.91 11.91 -14.05
N LYS C 67 -5.53 13.04 -14.66
CA LYS C 67 -4.78 14.13 -14.01
C LYS C 67 -3.42 13.68 -13.45
N ILE C 68 -2.89 12.61 -14.04
CA ILE C 68 -1.55 12.08 -13.75
C ILE C 68 -0.72 12.18 -15.04
N GLY C 69 0.51 12.64 -14.91
CA GLY C 69 1.40 12.80 -16.06
C GLY C 69 2.61 13.65 -15.69
N GLY C 70 3.59 13.70 -16.58
CA GLY C 70 4.88 14.34 -16.30
C GLY C 70 4.79 15.71 -15.64
N ALA C 71 4.16 16.66 -16.34
CA ALA C 71 4.06 18.04 -15.84
C ALA C 71 3.20 18.15 -14.59
N GLN C 72 2.04 17.48 -14.58
CA GLN C 72 1.15 17.47 -13.41
C GLN C 72 1.84 16.89 -12.19
N ASN C 73 2.60 15.81 -12.38
CA ASN C 73 3.25 15.14 -11.25
C ASN C 73 4.34 15.98 -10.61
N ARG C 74 5.03 16.79 -11.42
CA ARG C 74 6.08 17.66 -10.87
C ARG C 74 5.42 18.76 -10.05
N SER C 75 4.26 19.20 -10.52
CA SER C 75 3.47 20.18 -9.79
C SER C 75 2.95 19.61 -8.47
N TYR C 76 2.40 18.39 -8.51
CA TYR C 76 1.99 17.71 -7.27
C TYR C 76 3.16 17.53 -6.31
N SER C 77 4.34 17.21 -6.84
CA SER C 77 5.51 16.96 -5.99
C SER C 77 5.95 18.22 -5.25
N LYS C 78 5.98 19.35 -5.95
CA LYS C 78 6.33 20.64 -5.32
C LYS C 78 5.33 20.95 -4.21
N LEU C 79 4.04 20.76 -4.50
CA LEU C 79 2.99 21.08 -3.53
C LEU C 79 3.09 20.18 -2.29
N LEU C 80 3.19 18.87 -2.54
CA LEU C 80 3.13 17.89 -1.47
C LEU C 80 4.40 17.90 -0.61
N CYS C 81 5.56 17.98 -1.27
CA CYS C 81 6.84 18.13 -0.55
C CYS C 81 6.84 19.43 0.28
N GLY C 82 6.32 20.51 -0.34
CA GLY C 82 6.13 21.81 0.34
C GLY C 82 5.36 21.63 1.64
N LEU C 83 4.22 20.96 1.56
CA LEU C 83 3.39 20.71 2.75
C LEU C 83 4.05 19.82 3.78
N LEU C 84 4.69 18.73 3.32
CA LEU C 84 5.39 17.85 4.23
C LEU C 84 6.53 18.54 4.97
N ALA C 85 7.29 19.38 4.26
CA ALA C 85 8.38 20.16 4.85
C ALA C 85 7.90 21.18 5.87
N GLU C 86 6.88 21.95 5.51
CA GLU C 86 6.34 22.99 6.39
C GLU C 86 5.64 22.39 7.61
N ARG C 87 4.82 21.36 7.40
CA ARG C 87 3.93 20.91 8.47
C ARG C 87 4.51 19.80 9.34
N LEU C 88 5.25 18.89 8.70
CA LEU C 88 5.82 17.71 9.36
CA LEU C 88 5.82 17.71 9.35
C LEU C 88 7.34 17.81 9.55
N ARG C 89 7.94 18.85 8.95
CA ARG C 89 9.39 19.11 9.05
C ARG C 89 10.23 18.01 8.42
N ILE C 90 9.78 17.52 7.27
CA ILE C 90 10.51 16.48 6.52
C ILE C 90 11.18 17.12 5.31
N SER C 91 12.50 16.95 5.21
CA SER C 91 13.23 17.43 4.06
C SER C 91 12.67 16.84 2.78
N PRO C 92 12.50 17.68 1.74
CA PRO C 92 11.97 17.21 0.43
C PRO C 92 12.80 16.08 -0.21
N ASP C 93 14.12 16.06 0.03
CA ASP C 93 14.96 14.98 -0.53
C ASP C 93 14.88 13.65 0.24
N ARG C 94 14.02 13.60 1.26
CA ARG C 94 13.73 12.35 1.98
C ARG C 94 12.22 11.97 1.84
N VAL C 95 11.61 12.38 0.72
CA VAL C 95 10.22 12.04 0.41
C VAL C 95 10.16 11.30 -0.93
N TYR C 96 9.45 10.17 -0.97
CA TYR C 96 9.08 9.58 -2.26
C TYR C 96 7.57 9.61 -2.41
N ILE C 97 7.11 9.91 -3.62
CA ILE C 97 5.67 9.84 -3.91
C ILE C 97 5.44 8.96 -5.16
N ASN C 98 4.74 7.83 -5.01
CA ASN C 98 4.42 6.99 -6.16
C ASN C 98 3.10 7.46 -6.77
N TYR C 99 3.10 7.81 -8.06
CA TYR C 99 1.88 8.27 -8.76
C TYR C 99 1.25 7.12 -9.56
N TYR C 100 -0.08 6.97 -9.44
CA TYR C 100 -0.83 5.94 -10.15
C TYR C 100 -2.00 6.56 -10.88
N ASP C 101 -1.99 6.40 -12.20
CA ASP C 101 -3.12 6.81 -13.04
C ASP C 101 -4.03 5.57 -13.13
N MET C 102 -5.14 5.61 -12.40
CA MET C 102 -6.06 4.44 -12.32
C MET C 102 -7.09 4.47 -13.45
N ASN C 103 -7.40 3.31 -14.04
CA ASN C 103 -8.57 3.20 -14.92
C ASN C 103 -9.88 3.25 -14.10
N ALA C 104 -10.90 3.93 -14.61
CA ALA C 104 -12.19 4.02 -13.90
C ALA C 104 -12.75 2.63 -13.54
N ALA C 105 -12.51 1.65 -14.40
CA ALA C 105 -13.03 0.28 -14.17
C ALA C 105 -12.34 -0.42 -12.99
N ASN C 106 -11.19 0.10 -12.60
CA ASN C 106 -10.34 -0.47 -11.54
C ASN C 106 -10.40 0.30 -10.23
N VAL C 107 -11.40 1.17 -10.11
CA VAL C 107 -11.66 1.84 -8.84
C VAL C 107 -13.07 1.57 -8.33
N GLY C 108 -13.18 0.81 -7.25
CA GLY C 108 -14.47 0.51 -6.64
C GLY C 108 -14.91 1.63 -5.70
N TRP C 109 -16.21 1.89 -5.66
CA TRP C 109 -16.81 2.94 -4.82
C TRP C 109 -18.31 2.68 -4.81
N ASN C 110 -18.94 2.82 -3.66
CA ASN C 110 -20.40 2.83 -3.58
C ASN C 110 -21.07 1.59 -4.25
N ASN C 111 -20.56 0.39 -3.92
CA ASN C 111 -21.12 -0.89 -4.39
C ASN C 111 -20.84 -1.19 -5.89
N SER C 112 -20.10 -0.31 -6.54
CA SER C 112 -19.86 -0.48 -7.96
C SER C 112 -18.45 0.03 -8.27
N THR C 113 -18.21 0.47 -9.51
CA THR C 113 -16.93 1.12 -9.86
C THR C 113 -17.26 2.46 -10.51
N PHE C 114 -16.22 3.18 -10.97
CA PHE C 114 -16.45 4.42 -11.69
C PHE C 114 -16.71 4.17 -13.19
N ALA C 115 -16.75 2.91 -13.59
CA ALA C 115 -17.05 2.54 -14.98
C ALA C 115 -18.51 2.17 -15.08
N LEU C 116 -19.29 3.11 -15.58
CA LEU C 116 -20.75 2.91 -15.65
C LEU C 116 -21.26 2.68 -17.07
N GLU C 117 -20.36 2.51 -18.03
CA GLU C 117 -20.69 2.58 -19.46
C GLU C 117 -20.85 1.27 -20.25
N HIS C 118 -20.26 0.19 -19.76
CA HIS C 118 -20.16 -1.04 -20.55
C HIS C 118 -20.40 -2.29 -19.73
C1 DHC D . 9.09 5.03 -4.82
O1 DHC D . 8.31 6.09 -4.88
C2 DHC D . 10.18 4.88 -5.78
C3 DHC D . 11.31 5.30 -5.26
C1' DHC D . 12.55 5.26 -6.04
C2' DHC D . 12.70 4.33 -7.07
C3' DHC D . 13.90 4.33 -7.76
C4' DHC D . 14.99 5.29 -7.42
C5' DHC D . 14.76 6.18 -6.39
C6' DHC D . 13.55 6.16 -5.70
O4' DHC D . 16.17 5.31 -8.10
O3' DHC D . 14.08 3.44 -8.76
O2 DHC D . 8.92 4.20 -3.95
#